data_5T01
#
_entry.id   5T01
#
_cell.length_a   158.871
_cell.length_b   42.490
_cell.length_c   45.167
_cell.angle_alpha   90.00
_cell.angle_beta   98.01
_cell.angle_gamma   90.00
#
_symmetry.space_group_name_H-M   'C 1 2 1'
#
loop_
_entity.id
_entity.type
_entity.pdbx_description
1 polymer "DNA (5'-D(P*CP*TP*CP*CP*TP*AP*TP*GP*AP*CP*TP*CP*GP*TP*CP*CP*AP*T)-3')"
2 polymer "DNA (5'-D(*AP*AP*TP*GP*GP*AP*(5CM)P*GP*AP*GP*TP*CP*AP*TP*AP*GP*GP*AP*G)-3')"
3 polymer 'Transcription factor AP-1'
4 water water
#
loop_
_entity_poly.entity_id
_entity_poly.type
_entity_poly.pdbx_seq_one_letter_code
_entity_poly.pdbx_strand_id
1 'polydeoxyribonucleotide' (DT)(DC)(DT)(DC)(DC)(DT)(DA)(DT)(DG)(DA)(DC)(DT)(DC)(DG)(DT)(DC)(DC)(DA)(DT) C
2 'polydeoxyribonucleotide' (DA)(DA)(DT)(DG)(DG)(DA)(5CM)(DG)(DA)(DG)(DT)(DC)(DA)(DT)(DA)(DG)(DG)(DA)(DG) D
3 'polypeptide(L)' HMKAERKRMRNRIAASKSRKRKLERIARLEEKVKTLKAQNSELASTANMLREQVAQLKQKVMNH A,B
#
loop_
_chem_comp.id
_chem_comp.type
_chem_comp.name
_chem_comp.formula
5CM DNA linking 5-METHYL-2'-DEOXY-CYTIDINE-5'-MONOPHOSPHATE 'C10 H16 N3 O7 P'
DA DNA linking 2'-DEOXYADENOSINE-5'-MONOPHOSPHATE 'C10 H14 N5 O6 P'
DC DNA linking 2'-DEOXYCYTIDINE-5'-MONOPHOSPHATE 'C9 H14 N3 O7 P'
DG DNA linking 2'-DEOXYGUANOSINE-5'-MONOPHOSPHATE 'C10 H14 N5 O7 P'
DT DNA linking THYMIDINE-5'-MONOPHOSPHATE 'C10 H15 N2 O8 P'
#
# COMPACT_ATOMS: atom_id res chain seq x y z
N1 5CM B 7 -25.95 5.23 -6.45
C2 5CM B 7 -27.22 5.94 -6.29
N3 5CM B 7 -28.46 5.19 -6.41
C4 5CM B 7 -28.42 3.80 -6.65
C5 5CM B 7 -27.16 3.08 -6.80
C5A 5CM B 7 -27.17 1.59 -7.08
C6 5CM B 7 -25.92 3.83 -6.69
O2 5CM B 7 -27.29 7.14 -6.10
N4 5CM B 7 -29.63 3.12 -6.74
C1' 5CM B 7 -24.71 5.95 -6.35
C2' 5CM B 7 -23.51 5.10 -5.81
C3' 5CM B 7 -22.40 6.09 -6.09
C4' 5CM B 7 -22.71 6.62 -7.27
O4' 5CM B 7 -24.26 6.24 -7.53
O3' 5CM B 7 -22.58 7.15 -5.08
C5' 5CM B 7 -21.88 6.07 -8.38
O5' 5CM B 7 -21.82 4.67 -8.20
P 5CM B 7 -21.01 3.82 -9.27
OP1 5CM B 7 -19.72 4.55 -9.53
OP2 5CM B 7 -20.79 2.43 -8.70
N HIS C 1 -40.93 0.95 -19.24
CA HIS C 1 -40.92 1.29 -17.82
C HIS C 1 -40.83 -0.02 -17.01
N MET C 2 -39.86 -0.10 -16.11
CA MET C 2 -39.70 -1.26 -15.22
C MET C 2 -40.72 -1.22 -14.10
N LYS C 3 -41.29 -2.35 -13.68
CA LYS C 3 -42.14 -2.34 -12.48
C LYS C 3 -41.35 -1.87 -11.25
N ALA C 4 -41.95 -1.01 -10.42
CA ALA C 4 -41.25 -0.49 -9.22
C ALA C 4 -40.67 -1.59 -8.34
N GLU C 5 -41.40 -2.69 -8.18
CA GLU C 5 -40.85 -3.75 -7.37
C GLU C 5 -39.67 -4.46 -8.00
N ARG C 6 -39.67 -4.61 -9.34
CA ARG C 6 -38.49 -5.14 -9.99
C ARG C 6 -37.30 -4.19 -9.78
N LYS C 7 -37.57 -2.89 -9.80
CA LYS C 7 -36.50 -1.89 -9.52
C LYS C 7 -35.93 -2.05 -8.09
N ARG C 8 -36.83 -2.25 -7.13
CA ARG C 8 -36.43 -2.33 -5.75
C ARG C 8 -35.47 -3.49 -5.59
N MET C 9 -35.79 -4.64 -6.19
CA MET C 9 -34.93 -5.81 -6.02
C MET C 9 -33.63 -5.68 -6.82
N ARG C 10 -33.68 -5.03 -7.99
CA ARG C 10 -32.42 -4.82 -8.71
C ARG C 10 -31.53 -3.84 -7.96
N ASN C 11 -32.13 -2.83 -7.35
CA ASN C 11 -31.37 -1.93 -6.46
C ASN C 11 -30.70 -2.63 -5.26
N ARG C 12 -31.37 -3.61 -4.67
CA ARG C 12 -30.81 -4.32 -3.53
C ARG C 12 -29.56 -5.08 -4.00
N ILE C 13 -29.66 -5.72 -5.15
CA ILE C 13 -28.52 -6.46 -5.70
C ILE C 13 -27.36 -5.50 -6.00
N ALA C 14 -27.68 -4.37 -6.63
CA ALA C 14 -26.67 -3.34 -6.93
C ALA C 14 -25.90 -2.89 -5.69
N ALA C 15 -26.65 -2.63 -4.62
CA ALA C 15 -26.06 -2.17 -3.37
C ALA C 15 -25.18 -3.26 -2.78
N SER C 16 -25.63 -4.50 -2.88
CA SER C 16 -24.88 -5.61 -2.32
C SER C 16 -23.56 -5.82 -3.08
N LYS C 17 -23.64 -5.76 -4.41
CA LYS C 17 -22.41 -5.88 -5.19
C LYS C 17 -21.40 -4.78 -4.88
N SER C 18 -21.90 -3.55 -4.71
CA SER C 18 -21.03 -2.43 -4.39
C SER C 18 -20.33 -2.61 -3.02
N ARG C 19 -21.04 -3.11 -2.01
CA ARG C 19 -20.42 -3.41 -0.73
C ARG C 19 -19.29 -4.44 -0.92
N LYS C 20 -19.54 -5.47 -1.72
CA LYS C 20 -18.52 -6.50 -1.90
C LYS C 20 -17.28 -5.94 -2.62
N ARG C 21 -17.50 -5.14 -3.64
CA ARG C 21 -16.36 -4.63 -4.40
C ARG C 21 -15.50 -3.67 -3.56
N LYS C 22 -16.15 -2.86 -2.72
CA LYS C 22 -15.42 -2.02 -1.76
C LYS C 22 -14.56 -2.84 -0.81
N LEU C 23 -15.06 -3.98 -0.31
CA LEU C 23 -14.25 -4.82 0.59
C LEU C 23 -13.06 -5.44 -0.15
N GLU C 24 -13.25 -5.73 -1.43
CA GLU C 24 -12.20 -6.32 -2.24
C GLU C 24 -11.10 -5.30 -2.54
N ARG C 25 -11.47 -4.04 -2.72
CA ARG C 25 -10.44 -3.00 -2.85
C ARG C 25 -9.56 -2.89 -1.61
N ILE C 26 -10.21 -2.92 -0.44
CA ILE C 26 -9.48 -2.84 0.83
C ILE C 26 -8.51 -4.01 0.98
N ALA C 27 -8.99 -5.20 0.66
CA ALA C 27 -8.13 -6.38 0.66
C ALA C 27 -6.90 -6.18 -0.22
N ARG C 28 -7.13 -5.97 -1.51
CA ARG C 28 -6.05 -5.79 -2.49
C ARG C 28 -5.03 -4.77 -2.02
N LEU C 29 -5.49 -3.63 -1.52
CA LEU C 29 -4.58 -2.60 -1.08
C LEU C 29 -3.76 -3.03 0.15
N GLU C 30 -4.42 -3.67 1.11
CA GLU C 30 -3.74 -4.10 2.34
C GLU C 30 -2.74 -5.21 2.04
N GLU C 31 -3.09 -6.07 1.09
CA GLU C 31 -2.21 -7.09 0.58
C GLU C 31 -1.01 -6.45 -0.14
N LYS C 32 -1.26 -5.38 -0.90
CA LYS C 32 -0.19 -4.75 -1.67
C LYS C 32 0.81 -4.15 -0.72
N VAL C 33 0.32 -3.51 0.33
CA VAL C 33 1.21 -2.96 1.37
C VAL C 33 2.07 -4.05 2.00
N LYS C 34 1.45 -5.19 2.27
CA LYS C 34 2.14 -6.32 2.86
C LYS C 34 3.29 -6.78 1.96
N THR C 35 2.96 -7.00 0.68
CA THR C 35 3.94 -7.49 -0.29
C THR C 35 5.10 -6.52 -0.46
N LEU C 36 4.80 -5.23 -0.45
CA LEU C 36 5.81 -4.22 -0.70
C LEU C 36 6.75 -4.09 0.48
N LYS C 37 6.21 -4.27 1.69
CA LYS C 37 7.03 -4.24 2.90
C LYS C 37 8.06 -5.37 2.85
N ALA C 38 7.60 -6.54 2.41
CA ALA C 38 8.46 -7.69 2.23
C ALA C 38 9.63 -7.37 1.29
N GLN C 39 9.31 -6.90 0.09
CA GLN C 39 10.33 -6.55 -0.89
C GLN C 39 11.27 -5.46 -0.39
N ASN C 40 10.78 -4.62 0.50
CA ASN C 40 11.59 -3.57 1.10
C ASN C 40 12.61 -4.16 2.06
N SER C 41 12.28 -5.31 2.63
CA SER C 41 13.20 -5.96 3.56
C SER C 41 14.26 -6.76 2.82
N GLU C 42 13.89 -7.39 1.72
CA GLU C 42 14.87 -8.08 0.90
C GLU C 42 15.84 -7.08 0.27
N LEU C 43 15.32 -5.99 -0.27
CA LEU C 43 16.20 -5.01 -0.92
C LEU C 43 17.05 -4.27 0.10
N ALA C 44 16.63 -4.28 1.37
CA ALA C 44 17.44 -3.69 2.44
C ALA C 44 18.55 -4.66 2.87
N SER C 45 18.21 -5.94 2.98
CA SER C 45 19.19 -6.99 3.14
C SER C 45 20.28 -6.84 2.08
N THR C 46 19.90 -6.98 0.80
CA THR C 46 20.84 -6.87 -0.32
C THR C 46 21.63 -5.57 -0.31
N ALA C 47 21.03 -4.53 0.25
CA ALA C 47 21.70 -3.24 0.41
C ALA C 47 22.90 -3.35 1.34
N ASN C 48 22.63 -3.87 2.54
CA ASN C 48 23.66 -3.99 3.58
C ASN C 48 24.68 -5.08 3.29
N MET C 49 24.33 -6.01 2.41
CA MET C 49 25.26 -7.03 1.96
C MET C 49 26.28 -6.42 1.00
N LEU C 50 25.81 -5.70 -0.02
CA LEU C 50 26.71 -5.06 -0.96
C LEU C 50 27.52 -3.94 -0.29
N ARG C 51 27.01 -3.37 0.79
CA ARG C 51 27.70 -2.26 1.44
C ARG C 51 28.95 -2.74 2.19
N GLU C 52 28.79 -3.76 3.03
CA GLU C 52 29.92 -4.30 3.77
C GLU C 52 30.84 -5.11 2.85
N GLN C 53 30.37 -5.39 1.63
CA GLN C 53 31.20 -6.01 0.59
C GLN C 53 32.12 -4.97 -0.06
N VAL C 54 31.63 -3.74 -0.18
CA VAL C 54 32.46 -2.64 -0.68
C VAL C 54 33.47 -2.25 0.39
N ALA C 55 33.08 -2.33 1.66
CA ALA C 55 33.98 -2.10 2.79
C ALA C 55 35.17 -3.06 2.76
N GLN C 56 34.89 -4.31 2.38
CA GLN C 56 35.93 -5.31 2.25
C GLN C 56 36.90 -4.92 1.15
N LEU C 57 36.35 -4.71 -0.05
CA LEU C 57 37.15 -4.43 -1.24
C LEU C 57 37.95 -3.13 -1.13
N LYS C 58 37.50 -2.22 -0.27
CA LYS C 58 38.24 -0.99 -0.03
C LYS C 58 39.51 -1.27 0.78
N GLN C 59 39.37 -2.03 1.87
CA GLN C 59 40.51 -2.51 2.65
C GLN C 59 41.54 -3.21 1.77
N LYS C 60 41.05 -3.93 0.76
CA LYS C 60 41.85 -4.72 -0.14
C LYS C 60 42.59 -3.87 -1.17
N VAL C 61 42.36 -2.57 -1.16
CA VAL C 61 43.04 -1.68 -2.11
C VAL C 61 44.43 -1.23 -1.58
N MET C 62 44.70 -1.52 -0.31
CA MET C 62 46.01 -1.19 0.28
C MET C 62 47.22 -1.74 -0.49
N HIS D 1 -33.27 8.94 27.77
CA HIS D 1 -32.66 8.65 26.49
C HIS D 1 -33.16 9.66 25.43
N MET D 2 -32.41 9.81 24.33
CA MET D 2 -32.78 10.74 23.25
C MET D 2 -34.12 10.34 22.63
N LYS D 3 -34.91 11.35 22.26
CA LYS D 3 -36.11 11.19 21.44
C LYS D 3 -35.82 10.71 20.01
N ALA D 4 -36.81 10.14 19.36
CA ALA D 4 -36.66 9.53 18.03
C ALA D 4 -35.97 10.42 17.00
N GLU D 5 -36.47 11.64 16.86
CA GLU D 5 -35.96 12.57 15.85
C GLU D 5 -34.51 12.90 16.15
N ARG D 6 -34.19 13.08 17.43
CA ARG D 6 -32.83 13.43 17.81
C ARG D 6 -31.92 12.25 17.54
N LYS D 7 -32.40 11.06 17.87
CA LYS D 7 -31.69 9.83 17.57
C LYS D 7 -31.40 9.70 16.05
N ARG D 8 -32.36 10.07 15.20
CA ARG D 8 -32.14 10.00 13.76
C ARG D 8 -31.04 10.98 13.33
N MET D 9 -31.09 12.19 13.89
CA MET D 9 -30.07 13.19 13.59
C MET D 9 -28.68 12.67 13.99
N ARG D 10 -28.53 12.17 15.21
CA ARG D 10 -27.24 11.63 15.64
C ARG D 10 -26.78 10.46 14.75
N ASN D 11 -27.73 9.64 14.28
CA ASN D 11 -27.34 8.50 13.45
C ASN D 11 -26.97 8.93 12.03
N ARG D 12 -27.63 9.95 11.51
CA ARG D 12 -27.32 10.54 10.20
C ARG D 12 -25.86 11.05 10.25
N ILE D 13 -25.55 11.69 11.35
CA ILE D 13 -24.18 12.15 11.62
C ILE D 13 -23.16 11.03 11.70
N ALA D 14 -23.50 9.97 12.43
CA ALA D 14 -22.64 8.81 12.56
C ALA D 14 -22.40 8.14 11.21
N ALA D 15 -23.46 8.05 10.41
CA ALA D 15 -23.34 7.42 9.10
C ALA D 15 -22.38 8.18 8.22
N SER D 16 -22.54 9.49 8.20
CA SER D 16 -21.71 10.33 7.36
C SER D 16 -20.24 10.29 7.81
N LYS D 17 -20.02 10.25 9.12
CA LYS D 17 -18.66 10.17 9.67
C LYS D 17 -18.03 8.81 9.32
N SER D 18 -18.83 7.76 9.38
CA SER D 18 -18.31 6.43 9.13
C SER D 18 -17.98 6.23 7.65
N ARG D 19 -18.79 6.82 6.77
CA ARG D 19 -18.53 6.78 5.33
C ARG D 19 -17.31 7.62 4.98
N LYS D 20 -17.23 8.83 5.52
CA LYS D 20 -16.02 9.68 5.42
C LYS D 20 -14.75 8.96 5.88
N ARG D 21 -14.75 8.39 7.08
CA ARG D 21 -13.58 7.61 7.53
C ARG D 21 -13.24 6.42 6.61
N LYS D 22 -14.22 5.83 5.92
CA LYS D 22 -13.89 4.79 4.95
C LYS D 22 -13.11 5.36 3.75
N LEU D 23 -13.46 6.57 3.31
CA LEU D 23 -12.69 7.22 2.22
C LEU D 23 -11.26 7.53 2.68
N GLU D 24 -11.13 7.98 3.92
CA GLU D 24 -9.83 8.35 4.49
C GLU D 24 -8.92 7.14 4.57
N ARG D 25 -9.47 6.01 5.00
CA ARG D 25 -8.71 4.76 5.04
C ARG D 25 -8.16 4.37 3.66
N ILE D 26 -9.02 4.38 2.63
CA ILE D 26 -8.55 4.11 1.26
C ILE D 26 -7.42 5.05 0.87
N ALA D 27 -7.59 6.35 1.13
CA ALA D 27 -6.57 7.34 0.81
C ALA D 27 -5.25 7.06 1.57
N ARG D 28 -5.33 6.75 2.87
CA ARG D 28 -4.14 6.31 3.62
C ARG D 28 -3.45 5.08 3.03
N LEU D 29 -4.23 4.05 2.69
CA LEU D 29 -3.64 2.85 2.14
C LEU D 29 -3.00 3.15 0.81
N GLU D 30 -3.66 3.97 -0.01
CA GLU D 30 -3.12 4.25 -1.34
C GLU D 30 -1.79 5.00 -1.27
N GLU D 31 -1.74 5.96 -0.36
CA GLU D 31 -0.54 6.75 -0.08
C GLU D 31 0.60 5.90 0.50
N LYS D 32 0.26 4.87 1.26
CA LYS D 32 1.28 3.99 1.76
C LYS D 32 1.88 3.21 0.60
N VAL D 33 1.02 2.67 -0.27
CA VAL D 33 1.50 1.94 -1.45
C VAL D 33 2.44 2.82 -2.28
N LYS D 34 2.05 4.08 -2.47
CA LYS D 34 2.83 5.01 -3.25
C LYS D 34 4.26 5.15 -2.72
N THR D 35 4.38 5.54 -1.46
CA THR D 35 5.70 5.79 -0.86
C THR D 35 6.48 4.51 -0.68
N LEU D 36 5.81 3.39 -0.49
CA LEU D 36 6.50 2.11 -0.44
C LEU D 36 7.13 1.81 -1.79
N LYS D 37 6.37 2.03 -2.86
CA LYS D 37 6.90 1.85 -4.22
C LYS D 37 8.09 2.75 -4.54
N ALA D 38 8.03 4.01 -4.14
CA ALA D 38 9.12 4.93 -4.40
C ALA D 38 10.36 4.62 -3.52
N GLN D 39 10.14 4.20 -2.27
CA GLN D 39 11.22 3.68 -1.45
C GLN D 39 11.88 2.50 -2.16
N ASN D 40 11.03 1.57 -2.58
CA ASN D 40 11.47 0.42 -3.37
C ASN D 40 12.35 0.81 -4.55
N SER D 41 11.95 1.86 -5.27
CA SER D 41 12.68 2.27 -6.47
C SER D 41 14.03 2.82 -6.13
N GLU D 42 14.11 3.49 -4.98
CA GLU D 42 15.36 4.09 -4.54
C GLU D 42 16.34 3.03 -4.06
N LEU D 43 15.86 2.00 -3.36
CA LEU D 43 16.77 0.91 -2.99
C LEU D 43 17.26 0.11 -4.19
N ALA D 44 16.40 -0.05 -5.19
CA ALA D 44 16.78 -0.82 -6.37
C ALA D 44 17.90 -0.12 -7.13
N SER D 45 17.84 1.21 -7.15
CA SER D 45 18.81 2.00 -7.90
C SER D 45 20.13 2.05 -7.15
N THR D 46 20.01 1.95 -5.82
CA THR D 46 21.16 1.86 -4.93
C THR D 46 21.95 0.56 -5.12
N ALA D 47 21.26 -0.57 -5.05
CA ALA D 47 21.90 -1.84 -5.34
C ALA D 47 22.58 -1.80 -6.71
N ASN D 48 21.91 -1.27 -7.72
CA ASN D 48 22.54 -1.11 -9.04
C ASN D 48 23.80 -0.27 -8.98
N MET D 49 23.80 0.73 -8.10
CA MET D 49 24.96 1.58 -7.87
C MET D 49 26.10 0.78 -7.23
N LEU D 50 25.78 0.11 -6.12
CA LEU D 50 26.76 -0.67 -5.38
C LEU D 50 27.29 -1.86 -6.21
N ARG D 51 26.50 -2.34 -7.18
CA ARG D 51 26.94 -3.44 -8.03
C ARG D 51 27.98 -3.00 -9.07
N GLU D 52 27.84 -1.79 -9.56
CA GLU D 52 28.81 -1.25 -10.51
C GLU D 52 30.03 -0.76 -9.75
N GLN D 53 29.85 -0.58 -8.45
CA GLN D 53 30.94 -0.26 -7.54
C GLN D 53 31.85 -1.49 -7.40
N VAL D 54 31.28 -2.62 -6.99
CA VAL D 54 32.08 -3.81 -6.71
C VAL D 54 32.79 -4.34 -7.96
N ALA D 55 32.14 -4.25 -9.12
CA ALA D 55 32.75 -4.72 -10.36
C ALA D 55 33.99 -3.87 -10.70
N GLN D 56 33.93 -2.59 -10.32
CA GLN D 56 35.04 -1.67 -10.57
C GLN D 56 36.18 -1.94 -9.59
N LEU D 57 35.84 -2.09 -8.32
CA LEU D 57 36.83 -2.40 -7.30
C LEU D 57 37.52 -3.75 -7.56
N LYS D 58 36.78 -4.74 -8.06
CA LYS D 58 37.36 -6.03 -8.39
C LYS D 58 38.39 -5.88 -9.49
N GLN D 59 38.14 -4.95 -10.41
CA GLN D 59 39.08 -4.69 -11.48
C GLN D 59 40.36 -4.03 -10.97
N LYS D 60 40.23 -3.17 -9.95
CA LYS D 60 41.39 -2.49 -9.39
C LYS D 60 42.27 -3.47 -8.61
N VAL D 61 41.65 -4.32 -7.81
CA VAL D 61 42.36 -5.35 -7.05
C VAL D 61 43.22 -6.28 -7.93
N MET D 62 42.66 -6.79 -9.02
CA MET D 62 43.41 -7.70 -9.89
C MET D 62 44.36 -6.94 -10.82
#